data_7W12
#
_entry.id   7W12
#
_cell.length_a   156.627
_cell.length_b   156.627
_cell.length_c   60.784
_cell.angle_alpha   90.000
_cell.angle_beta   90.000
_cell.angle_gamma   120.000
#
_symmetry.space_group_name_H-M   'P 3 1 2'
#
loop_
_entity.id
_entity.type
_entity.pdbx_description
1 polymer 'Alginate lyase'
2 branched 'alpha-L-gulopyranuronic acid-(1-4)-alpha-L-gulopyranuronic acid-(1-4)-alpha-L-gulopyranuronic acid-(1-4)-alpha-L-gulopyranuronic acid-(1-4)-alpha-L-gulopyranuronic acid-(1-4)-alpha-L-gulopyranuronic acid-(1-4)-alpha-L-gulopyranuronic acid-(1-4)-alpha-L-gulopyranuronic acid-(1-4)-alpha-L-gulopyranuronic acid'
3 non-polymer 'SULFATE ION'
4 water water
#
_entity_poly.entity_id   1
_entity_poly.type   'polypeptide(L)'
_entity_poly.pdbx_seq_one_letter_code
;DFPNNKETGEALLTPVDATASSHDGNGPDRLIDQDLTTRWSSAGDGEWAMLDYGSVQEFDAVQASFSKGNERQSKFDIQV
SVDGETWTTVLENQLSSGKAIGLERFQFEPAVKARYVRYVGHGNTKNGWNSVTGLAAVNCSINACPASQIITSDVVAAEA
VLIAEMKAAEKARKAARKDLRSGNFGVAAVYPCETSVKCDTRSALPVPTGLPATPVAGNAPSENFDMTHWYLSQPFDHDK
NGKPDDVSEWNLANGYQHPEIFYTADDGGLVFKSYVKGVRTSKNTKYARTELREMMRRGDQSISTKGVNKNNWVFSSAPE
ADLEAAAGIDGVLEATLKIDHATTTGNANEVGRFIIGQIADQNDEPIRLYYRKLPNQPTGAVYFAHESQDATKEDFYPLV
GDMTAEVGEDGIALGEVFSYRIDVKGNTMTVTLMREGKDDVVQVVDMSNSGYDVGGKYMYFKAGVANQNISGDLDDYSQA
TFYQLDVSHDQYKK
;
_entity_poly.pdbx_strand_id   A
#
loop_
_chem_comp.id
_chem_comp.type
_chem_comp.name
_chem_comp.formula
LGU L-saccharide, alpha linking 'alpha-L-gulopyranuronic acid' 'C6 H10 O7'
SO4 non-polymer 'SULFATE ION' 'O4 S -2'
#
# COMPACT_ATOMS: atom_id res chain seq x y z
N ASN A 4 14.29 -0.70 43.24
CA ASN A 4 13.64 -2.06 43.42
C ASN A 4 13.77 -3.08 42.26
N ASN A 5 13.97 -2.57 41.02
CA ASN A 5 14.30 -3.34 39.80
C ASN A 5 15.68 -4.05 39.88
N LYS A 6 15.71 -5.33 39.55
CA LYS A 6 16.97 -6.11 39.58
C LYS A 6 17.51 -6.49 38.16
N GLU A 7 18.81 -6.75 38.05
CA GLU A 7 19.32 -7.29 36.80
C GLU A 7 18.93 -8.76 36.57
N THR A 8 18.29 -9.38 37.57
CA THR A 8 18.10 -10.83 37.48
C THR A 8 16.68 -11.12 37.80
N GLY A 9 16.20 -12.32 37.47
CA GLY A 9 14.82 -12.71 37.81
C GLY A 9 14.58 -14.01 37.07
N GLU A 10 13.40 -14.60 37.25
CA GLU A 10 13.06 -15.87 36.62
C GLU A 10 12.47 -15.60 35.21
N ALA A 11 12.25 -16.66 34.41
CA ALA A 11 11.75 -16.54 33.04
C ALA A 11 10.39 -15.80 33.01
N LEU A 12 10.19 -14.94 31.99
CA LEU A 12 8.86 -14.36 31.64
C LEU A 12 7.84 -15.42 31.35
N LEU A 13 6.58 -15.13 31.64
CA LEU A 13 5.50 -16.05 31.25
C LEU A 13 5.45 -16.09 29.72
N THR A 14 5.16 -17.26 29.15
CA THR A 14 4.90 -17.37 27.73
C THR A 14 3.43 -17.22 27.49
N PRO A 15 3.03 -16.27 26.61
CA PRO A 15 1.60 -16.10 26.27
C PRO A 15 1.06 -17.36 25.63
N VAL A 16 -0.19 -17.74 25.92
CA VAL A 16 -0.79 -18.86 25.19
C VAL A 16 -1.31 -18.44 23.79
N ASP A 17 -1.53 -17.13 23.60
CA ASP A 17 -2.07 -16.64 22.34
C ASP A 17 -1.72 -15.18 22.16
N ALA A 18 -1.41 -14.86 20.91
CA ALA A 18 -1.13 -13.50 20.45
C ALA A 18 -2.11 -13.25 19.32
N THR A 19 -2.92 -12.19 19.44
CA THR A 19 -3.83 -11.82 18.36
C THR A 19 -3.76 -10.28 18.09
N ALA A 20 -4.53 -9.80 17.11
CA ALA A 20 -4.47 -8.39 16.68
C ALA A 20 -5.80 -7.92 16.10
N SER A 21 -6.12 -6.63 16.19
CA SER A 21 -7.29 -6.15 15.43
C SER A 21 -7.02 -6.37 13.92
N SER A 22 -5.76 -6.26 13.52
CA SER A 22 -5.38 -6.51 12.11
C SER A 22 -3.84 -6.48 11.97
N HIS A 23 -3.38 -6.88 10.78
CA HIS A 23 -1.98 -6.77 10.37
C HIS A 23 -1.88 -6.92 8.82
N ASP A 24 -0.69 -6.72 8.28
CA ASP A 24 -0.48 -6.76 6.85
C ASP A 24 0.13 -8.08 6.38
N GLY A 25 -0.02 -9.14 7.19
CA GLY A 25 0.73 -10.41 6.94
C GLY A 25 1.88 -10.60 7.94
N ASN A 26 2.42 -9.50 8.47
CA ASN A 26 3.34 -9.60 9.58
C ASN A 26 2.49 -9.68 10.82
N GLY A 27 2.09 -10.90 11.19
CA GLY A 27 1.08 -11.13 12.24
C GLY A 27 1.57 -11.09 13.70
N PRO A 28 0.64 -11.18 14.66
CA PRO A 28 0.99 -10.95 16.07
C PRO A 28 1.89 -12.07 16.65
N ASP A 29 1.87 -13.28 16.08
CA ASP A 29 2.79 -14.36 16.49
C ASP A 29 4.20 -13.92 16.45
N ARG A 30 4.48 -12.83 15.72
CA ARG A 30 5.89 -12.36 15.59
C ARG A 30 6.35 -11.43 16.71
N LEU A 31 5.46 -11.19 17.66
CA LEU A 31 5.75 -10.34 18.83
C LEU A 31 6.43 -11.11 19.98
N ILE A 32 6.24 -12.43 19.97
CA ILE A 32 6.61 -13.31 21.10
C ILE A 32 7.60 -14.37 20.61
N ASP A 33 8.29 -14.12 19.49
CA ASP A 33 9.23 -15.11 18.97
C ASP A 33 10.65 -14.72 19.35
N GLN A 34 10.84 -13.57 20.02
CA GLN A 34 12.17 -13.07 20.48
C GLN A 34 13.13 -12.79 19.31
N ASP A 35 12.57 -12.70 18.10
CA ASP A 35 13.38 -12.40 16.93
C ASP A 35 13.22 -10.91 16.56
N LEU A 36 14.30 -10.14 16.62
CA LEU A 36 14.25 -8.70 16.23
C LEU A 36 14.07 -8.51 14.72
N THR A 37 14.10 -9.62 14.02
CA THR A 37 14.11 -9.69 12.57
C THR A 37 12.68 -9.86 12.03
N THR A 38 11.71 -10.05 12.94
CA THR A 38 10.32 -10.22 12.57
C THR A 38 9.50 -9.20 13.36
N ARG A 39 8.29 -8.88 12.87
CA ARG A 39 7.56 -7.74 13.36
C ARG A 39 6.12 -8.06 13.20
N TRP A 40 5.30 -7.44 14.03
CA TRP A 40 3.87 -7.35 13.76
C TRP A 40 3.69 -5.94 13.26
N SER A 41 3.00 -5.77 12.12
CA SER A 41 2.75 -4.41 11.57
C SER A 41 1.27 -4.24 11.30
N SER A 42 0.76 -3.08 11.67
CA SER A 42 -0.60 -2.71 11.31
C SER A 42 -0.63 -1.19 11.20
N ALA A 43 -1.67 -0.66 10.53
CA ALA A 43 -1.71 0.80 10.24
C ALA A 43 -2.99 1.37 10.74
N GLY A 44 -2.91 2.49 11.45
CA GLY A 44 -4.14 3.21 11.84
C GLY A 44 -4.26 3.26 13.35
N ASP A 45 -4.42 4.48 13.89
CA ASP A 45 -4.68 4.74 15.31
C ASP A 45 -5.71 3.81 15.91
N GLY A 46 -5.38 3.21 17.07
CA GLY A 46 -6.38 2.34 17.74
C GLY A 46 -6.31 0.87 17.35
N GLU A 47 -5.50 0.52 16.33
CA GLU A 47 -5.22 -0.90 16.03
C GLU A 47 -4.43 -1.49 17.24
N TRP A 48 -4.66 -2.77 17.54
CA TRP A 48 -4.06 -3.37 18.73
C TRP A 48 -3.56 -4.76 18.43
N ALA A 49 -2.57 -5.15 19.25
CA ALA A 49 -2.10 -6.51 19.39
C ALA A 49 -2.34 -7.03 20.82
N MET A 50 -2.81 -8.27 21.00
CA MET A 50 -3.14 -8.73 22.36
C MET A 50 -2.45 -10.01 22.79
N LEU A 51 -1.72 -9.91 23.90
CA LEU A 51 -1.17 -11.09 24.58
C LEU A 51 -2.18 -11.74 25.54
N ASP A 52 -2.53 -12.98 25.26
CA ASP A 52 -3.31 -13.79 26.19
C ASP A 52 -2.40 -14.72 27.04
N TYR A 53 -2.35 -14.45 28.35
CA TYR A 53 -1.62 -15.33 29.28
C TYR A 53 -2.33 -16.62 29.75
N GLY A 54 -3.59 -16.80 29.39
CA GLY A 54 -4.26 -18.07 29.74
C GLY A 54 -5.03 -18.11 31.07
N SER A 55 -4.60 -17.30 32.03
CA SER A 55 -5.28 -17.15 33.31
C SER A 55 -4.76 -15.87 33.93
N VAL A 56 -5.37 -15.43 35.02
CA VAL A 56 -5.03 -14.13 35.64
C VAL A 56 -3.65 -14.08 36.30
N GLN A 57 -2.85 -13.07 35.98
CA GLN A 57 -1.47 -12.99 36.45
C GLN A 57 -1.26 -11.60 36.89
N GLU A 58 -0.06 -11.32 37.36
CA GLU A 58 0.25 -10.02 37.90
C GLU A 58 1.40 -9.36 37.14
N PHE A 59 1.16 -8.12 36.70
CA PHE A 59 2.16 -7.40 35.93
C PHE A 59 2.26 -5.99 36.43
N ASP A 60 3.39 -5.34 36.16
CA ASP A 60 3.57 -3.95 36.44
C ASP A 60 4.39 -3.22 35.36
N ALA A 61 4.61 -3.88 34.20
CA ALA A 61 5.40 -3.28 33.11
C ALA A 61 5.25 -4.07 31.82
N VAL A 62 5.69 -3.44 30.72
CA VAL A 62 5.88 -4.22 29.46
C VAL A 62 7.24 -3.92 28.98
N GLN A 63 7.81 -4.89 28.26
CA GLN A 63 9.03 -4.60 27.50
C GLN A 63 8.65 -4.72 26.02
N ALA A 64 9.19 -3.84 25.18
CA ALA A 64 8.79 -3.88 23.75
C ALA A 64 9.98 -3.40 22.94
N SER A 65 10.24 -4.07 21.82
CA SER A 65 11.30 -3.61 20.91
C SER A 65 10.58 -3.16 19.62
N PHE A 66 11.12 -2.15 18.95
CA PHE A 66 10.36 -1.47 17.92
C PHE A 66 11.02 -1.60 16.55
N SER A 67 10.22 -1.96 15.54
CA SER A 67 10.69 -1.95 14.13
C SER A 67 11.26 -0.62 13.74
N LYS A 68 12.47 -0.63 13.18
CA LYS A 68 13.13 0.63 12.93
C LYS A 68 13.02 1.53 14.18
N GLY A 69 13.24 0.92 15.33
CA GLY A 69 13.18 1.63 16.62
C GLY A 69 14.23 2.73 16.81
N ASN A 70 15.34 2.63 16.07
CA ASN A 70 16.39 3.65 16.05
C ASN A 70 16.21 4.77 14.99
N GLU A 71 15.05 4.84 14.34
CA GLU A 71 14.85 5.87 13.30
C GLU A 71 13.60 6.67 13.60
N ARG A 72 12.74 6.15 14.46
CA ARG A 72 11.51 6.85 14.77
C ARG A 72 10.95 6.41 16.10
N GLN A 73 9.94 7.11 16.61
CA GLN A 73 9.43 6.80 17.92
C GLN A 73 8.02 6.38 17.73
N SER A 74 7.65 5.24 18.32
CA SER A 74 6.25 4.77 18.26
C SER A 74 5.43 5.36 19.39
N LYS A 75 4.13 5.53 19.16
CA LYS A 75 3.23 6.07 20.13
C LYS A 75 2.22 5.00 20.41
N PHE A 76 1.86 4.79 21.70
CA PHE A 76 0.96 3.72 22.11
C PHE A 76 0.39 3.88 23.52
N ASP A 77 -0.69 3.14 23.79
CA ASP A 77 -1.12 2.89 25.13
C ASP A 77 -0.98 1.40 25.41
N ILE A 78 -0.92 1.02 26.69
CA ILE A 78 -1.12 -0.37 27.11
C ILE A 78 -2.36 -0.48 27.98
N GLN A 79 -3.08 -1.56 27.80
CA GLN A 79 -4.36 -1.75 28.47
C GLN A 79 -4.41 -3.19 28.94
N VAL A 80 -5.06 -3.41 30.10
CA VAL A 80 -5.20 -4.80 30.61
C VAL A 80 -6.63 -5.20 30.85
N SER A 81 -6.87 -6.49 30.93
CA SER A 81 -8.20 -6.99 31.17
C SER A 81 -8.15 -8.36 31.81
N VAL A 82 -9.20 -8.61 32.62
CA VAL A 82 -9.38 -9.87 33.29
C VAL A 82 -10.29 -10.67 32.38
N ASP A 83 -11.32 -10.03 31.84
CA ASP A 83 -12.32 -10.77 31.02
C ASP A 83 -12.03 -10.69 29.53
N GLY A 84 -11.25 -9.69 29.11
CA GLY A 84 -10.99 -9.46 27.70
C GLY A 84 -12.18 -8.82 27.02
N GLU A 85 -12.97 -8.07 27.78
CA GLU A 85 -14.10 -7.30 27.27
C GLU A 85 -14.04 -5.92 27.94
N THR A 86 -13.68 -5.85 29.20
CA THR A 86 -13.54 -4.55 29.86
C THR A 86 -12.06 -4.26 30.02
N TRP A 87 -11.64 -3.06 29.63
CA TRP A 87 -10.21 -2.70 29.51
C TRP A 87 -9.79 -1.52 30.37
N THR A 88 -8.75 -1.75 31.15
CA THR A 88 -8.17 -0.73 32.02
C THR A 88 -6.85 -0.24 31.42
N THR A 89 -6.69 1.07 31.34
CA THR A 89 -5.49 1.67 30.75
C THR A 89 -4.37 1.88 31.74
N VAL A 90 -3.26 1.16 31.59
CA VAL A 90 -2.15 1.31 32.54
C VAL A 90 -1.01 2.21 32.12
N LEU A 91 -0.92 2.51 30.82
CA LEU A 91 0.12 3.39 30.31
C LEU A 91 -0.47 4.13 29.13
N GLU A 92 -0.23 5.44 29.11
CA GLU A 92 -0.90 6.35 28.19
C GLU A 92 0.07 7.23 27.48
N ASN A 93 -0.19 7.42 26.20
CA ASN A 93 0.63 8.31 25.40
C ASN A 93 2.09 8.05 25.70
N GLN A 94 2.48 6.79 25.59
CA GLN A 94 3.87 6.38 25.63
C GLN A 94 4.49 6.68 24.30
N LEU A 95 5.76 7.01 24.36
CA LEU A 95 6.57 7.27 23.24
C LEU A 95 7.85 6.42 23.41
N SER A 96 8.14 5.53 22.46
CA SER A 96 9.36 4.70 22.47
C SER A 96 10.55 5.63 22.36
N SER A 97 11.79 5.12 22.44
CA SER A 97 12.93 6.05 22.52
C SER A 97 13.39 6.65 21.20
N GLY A 98 13.16 5.94 20.09
CA GLY A 98 13.71 6.36 18.81
C GLY A 98 15.21 6.12 18.67
N LYS A 99 15.84 5.52 19.69
CA LYS A 99 17.30 5.34 19.64
C LYS A 99 17.81 3.87 19.62
N ALA A 100 16.90 2.91 19.73
CA ALA A 100 17.30 1.52 19.97
C ALA A 100 16.43 0.60 19.19
N ILE A 101 17.00 -0.51 18.77
CA ILE A 101 16.13 -1.57 18.31
C ILE A 101 15.91 -2.71 19.30
N GLY A 102 16.66 -2.69 20.41
CA GLY A 102 16.50 -3.71 21.46
C GLY A 102 15.28 -3.40 22.32
N LEU A 103 15.03 -4.23 23.33
CA LEU A 103 13.92 -4.07 24.25
C LEU A 103 13.99 -2.82 25.12
N GLU A 104 12.83 -2.24 25.37
CA GLU A 104 12.69 -1.04 26.19
C GLU A 104 11.58 -1.32 27.15
N ARG A 105 11.73 -0.88 28.41
CA ARG A 105 10.72 -1.16 29.44
C ARG A 105 9.85 0.06 29.68
N PHE A 106 8.55 -0.19 29.86
CA PHE A 106 7.61 0.85 30.23
C PHE A 106 6.86 0.34 31.43
N GLN A 107 7.15 1.02 32.56
CA GLN A 107 6.76 0.49 33.89
C GLN A 107 5.73 1.40 34.56
N PHE A 108 4.74 0.79 35.21
CA PHE A 108 3.77 1.54 36.05
C PHE A 108 3.66 1.05 37.53
N GLU A 109 3.19 1.93 38.42
CA GLU A 109 2.93 1.62 39.84
C GLU A 109 1.48 1.98 40.12
N PRO A 110 0.71 1.06 40.74
CA PRO A 110 1.17 -0.25 41.21
C PRO A 110 0.87 -1.37 40.18
N ALA A 111 1.30 -2.59 40.51
CA ALA A 111 0.96 -3.81 39.77
C ALA A 111 -0.54 -3.92 39.55
N VAL A 112 -0.96 -4.77 38.60
CA VAL A 112 -2.39 -5.00 38.34
C VAL A 112 -2.59 -6.49 38.12
N LYS A 113 -3.81 -6.96 38.19
CA LYS A 113 -4.07 -8.37 37.93
C LYS A 113 -4.72 -8.48 36.55
N ALA A 114 -4.13 -9.26 35.63
CA ALA A 114 -4.75 -9.44 34.29
C ALA A 114 -4.39 -10.72 33.61
N ARG A 115 -5.31 -11.18 32.77
CA ARG A 115 -5.08 -12.30 31.90
C ARG A 115 -4.67 -11.83 30.48
N TYR A 116 -5.16 -10.66 30.06
CA TYR A 116 -4.95 -10.13 28.72
C TYR A 116 -4.26 -8.79 28.82
N VAL A 117 -3.25 -8.59 27.99
CA VAL A 117 -2.53 -7.33 27.90
C VAL A 117 -2.53 -6.95 26.40
N ARG A 118 -2.71 -5.66 26.10
CA ARG A 118 -2.98 -5.20 24.72
C ARG A 118 -2.10 -4.00 24.42
N TYR A 119 -1.44 -4.02 23.27
CA TYR A 119 -0.78 -2.82 22.77
C TYR A 119 -1.71 -2.06 21.80
N VAL A 120 -2.04 -0.81 22.15
CA VAL A 120 -2.93 0.04 21.33
C VAL A 120 -2.06 1.10 20.68
N GLY A 121 -1.92 1.02 19.35
CA GLY A 121 -0.93 1.85 18.62
C GLY A 121 -1.53 3.13 18.06
N HIS A 122 -0.67 4.14 17.95
CA HIS A 122 -1.03 5.49 17.41
C HIS A 122 0.08 5.93 16.47
N GLY A 123 0.62 4.96 15.72
CA GLY A 123 1.61 5.24 14.71
C GLY A 123 2.93 5.63 15.32
N ASN A 124 3.78 6.28 14.55
CA ASN A 124 5.06 6.70 15.04
C ASN A 124 5.25 8.16 14.65
N THR A 125 6.47 8.66 14.73
CA THR A 125 6.70 10.07 14.45
C THR A 125 7.03 10.33 12.97
N LYS A 126 7.23 9.26 12.21
CA LYS A 126 7.47 9.38 10.77
C LYS A 126 6.23 9.04 9.94
N ASN A 127 5.64 7.86 10.14
CA ASN A 127 4.41 7.51 9.42
C ASN A 127 3.35 6.91 10.35
N GLY A 128 2.26 6.41 9.79
CA GLY A 128 1.12 5.94 10.58
C GLY A 128 1.13 4.46 10.91
N TRP A 129 2.27 3.81 10.72
CA TRP A 129 2.38 2.39 11.02
C TRP A 129 2.70 2.05 12.52
N ASN A 130 2.06 1.03 13.03
CA ASN A 130 2.46 0.43 14.33
C ASN A 130 3.28 -0.85 14.01
N SER A 131 4.56 -0.83 14.31
CA SER A 131 5.40 -1.96 13.94
C SER A 131 6.31 -2.36 15.08
N VAL A 132 6.04 -3.53 15.63
CA VAL A 132 6.72 -3.94 16.86
C VAL A 132 7.30 -5.33 16.69
N THR A 133 8.58 -5.45 17.06
CA THR A 133 9.37 -6.68 16.90
C THR A 133 9.32 -7.63 18.12
N GLY A 134 9.08 -7.13 19.32
CA GLY A 134 8.83 -7.98 20.47
C GLY A 134 7.95 -7.23 21.47
N LEU A 135 7.01 -7.94 22.07
CA LEU A 135 6.24 -7.41 23.19
C LEU A 135 6.15 -8.49 24.29
N ALA A 136 6.27 -8.09 25.56
CA ALA A 136 5.94 -9.00 26.72
C ALA A 136 5.51 -8.25 27.99
N ALA A 137 4.47 -8.78 28.65
CA ALA A 137 4.08 -8.29 29.98
C ALA A 137 5.10 -8.82 31.00
N VAL A 138 5.45 -7.98 31.97
CA VAL A 138 6.55 -8.23 32.88
C VAL A 138 6.10 -7.92 34.34
N ASN A 139 6.51 -8.79 35.28
CA ASN A 139 6.40 -8.52 36.73
C ASN A 139 7.77 -8.26 37.34
N CYS A 140 8.04 -7.00 37.62
CA CYS A 140 9.38 -6.60 38.06
C CYS A 140 9.70 -7.01 39.55
N SER A 141 8.77 -7.66 40.23
CA SER A 141 9.06 -8.23 41.54
C SER A 141 9.79 -9.56 41.39
N ILE A 142 9.41 -10.34 40.37
CA ILE A 142 10.00 -11.64 40.12
C ILE A 142 10.97 -11.72 38.88
N ASN A 143 10.81 -10.80 37.89
CA ASN A 143 11.51 -10.94 36.59
C ASN A 143 12.64 -9.94 36.51
N ALA A 144 13.65 -10.23 35.69
CA ALA A 144 14.68 -9.23 35.41
C ALA A 144 14.02 -7.98 34.83
N CYS A 145 14.36 -6.79 35.35
CA CYS A 145 14.00 -5.54 34.74
C CYS A 145 15.30 -4.75 34.65
N PRO A 146 16.20 -5.16 33.77
CA PRO A 146 17.51 -4.54 33.81
C PRO A 146 17.53 -3.08 33.46
N ALA A 147 18.68 -2.48 33.73
CA ALA A 147 18.97 -1.09 33.47
C ALA A 147 19.00 -0.84 31.97
N SER A 148 19.51 -1.81 31.24
CA SER A 148 19.77 -1.64 29.83
C SER A 148 18.48 -1.40 28.98
N GLN A 149 17.31 -1.67 29.56
CA GLN A 149 16.02 -1.46 28.93
C GLN A 149 15.48 -0.04 29.11
N ILE A 150 16.30 0.79 29.74
CA ILE A 150 16.09 2.23 29.82
C ILE A 150 17.15 2.76 28.88
N ILE A 151 16.70 3.39 27.78
CA ILE A 151 17.63 3.62 26.69
C ILE A 151 18.49 4.86 26.94
N THR A 152 19.77 4.64 27.19
CA THR A 152 20.71 5.70 27.54
C THR A 152 21.81 5.58 26.54
N SER A 153 22.72 6.56 26.52
CA SER A 153 23.82 6.59 25.52
C SER A 153 24.65 5.31 25.45
N ASP A 154 24.77 4.62 26.58
CA ASP A 154 25.63 3.43 26.64
C ASP A 154 24.91 2.18 26.13
N VAL A 155 23.58 2.11 26.31
CA VAL A 155 22.74 1.10 25.67
C VAL A 155 22.88 1.21 24.15
N VAL A 156 22.91 2.46 23.64
CA VAL A 156 23.07 2.76 22.19
C VAL A 156 24.42 2.26 21.66
N ALA A 157 25.51 2.65 22.34
CA ALA A 157 26.84 2.15 22.00
C ALA A 157 26.88 0.62 22.00
N ALA A 158 26.24 0.01 23.01
CA ALA A 158 26.13 -1.46 23.09
C ALA A 158 25.34 -2.09 21.95
N GLU A 159 24.45 -1.34 21.30
CA GLU A 159 23.72 -1.85 20.13
C GLU A 159 24.56 -1.90 18.83
N ALA A 160 25.70 -1.22 18.84
CA ALA A 160 26.49 -0.98 17.63
C ALA A 160 26.74 -2.23 16.77
N VAL A 161 27.06 -3.36 17.40
CA VAL A 161 27.28 -4.60 16.64
C VAL A 161 26.00 -5.15 16.00
N LEU A 162 24.89 -5.03 16.74
CA LEU A 162 23.62 -5.45 16.20
C LEU A 162 23.21 -4.57 15.00
N ILE A 163 23.31 -3.25 15.17
CA ILE A 163 22.97 -2.28 14.13
C ILE A 163 23.74 -2.58 12.83
N ALA A 164 25.06 -2.73 12.94
CA ALA A 164 25.96 -3.09 11.82
C ALA A 164 25.59 -4.37 11.08
N GLU A 165 25.20 -5.40 11.83
CA GLU A 165 24.75 -6.62 11.19
C GLU A 165 23.40 -6.46 10.48
N MET A 166 22.50 -5.63 11.03
CA MET A 166 21.17 -5.39 10.42
C MET A 166 21.38 -4.62 9.11
N LYS A 167 22.23 -3.60 9.18
CA LYS A 167 22.60 -2.79 8.05
C LYS A 167 23.29 -3.58 6.96
N ALA A 168 24.14 -4.55 7.32
CA ALA A 168 24.73 -5.43 6.29
C ALA A 168 23.69 -6.36 5.65
N ALA A 169 22.68 -6.72 6.41
CA ALA A 169 21.62 -7.54 5.82
C ALA A 169 20.69 -6.67 4.93
N GLU A 170 20.44 -5.42 5.33
CA GLU A 170 19.67 -4.46 4.50
C GLU A 170 20.35 -4.32 3.14
N LYS A 171 21.63 -3.99 3.22
CA LYS A 171 22.52 -3.80 2.09
C LYS A 171 22.51 -4.96 1.13
N ALA A 172 22.64 -6.17 1.64
CA ALA A 172 22.55 -7.38 0.77
C ALA A 172 21.20 -7.54 0.07
N ARG A 173 20.10 -7.21 0.77
CA ARG A 173 18.76 -7.33 0.17
C ARG A 173 18.57 -6.26 -0.92
N LYS A 174 18.99 -5.01 -0.63
CA LYS A 174 19.05 -3.89 -1.54
C LYS A 174 19.85 -4.26 -2.82
N ALA A 175 20.97 -4.98 -2.67
CA ALA A 175 21.73 -5.51 -3.81
C ALA A 175 20.98 -6.58 -4.57
N ALA A 176 20.41 -7.56 -3.87
CA ALA A 176 19.56 -8.55 -4.53
C ALA A 176 18.35 -7.88 -5.29
N ARG A 177 17.75 -6.83 -4.71
CA ARG A 177 16.66 -6.13 -5.37
C ARG A 177 17.15 -5.44 -6.62
N LYS A 178 18.28 -4.73 -6.50
CA LYS A 178 18.93 -4.09 -7.66
C LYS A 178 19.13 -5.08 -8.83
N ASP A 179 19.51 -6.34 -8.57
CA ASP A 179 19.69 -7.32 -9.67
C ASP A 179 18.46 -7.62 -10.47
N LEU A 180 17.28 -7.33 -9.92
CA LEU A 180 16.01 -7.65 -10.59
C LEU A 180 15.60 -6.52 -11.52
N ARG A 181 16.34 -5.41 -11.48
CA ARG A 181 15.90 -4.16 -12.07
C ARG A 181 16.61 -3.77 -13.36
N SER A 182 17.11 -4.76 -14.10
CA SER A 182 17.84 -4.41 -15.30
C SER A 182 16.89 -3.91 -16.40
N GLY A 183 15.68 -4.46 -16.46
CA GLY A 183 14.69 -4.12 -17.48
C GLY A 183 15.06 -4.72 -18.81
N ASN A 184 16.00 -5.65 -18.80
CA ASN A 184 16.48 -6.17 -20.04
C ASN A 184 15.74 -7.49 -20.47
N PHE A 185 14.46 -7.36 -20.83
CA PHE A 185 13.64 -8.51 -21.13
C PHE A 185 12.48 -7.97 -21.95
N GLY A 186 11.67 -8.91 -22.51
CA GLY A 186 10.46 -8.71 -23.29
C GLY A 186 10.73 -8.50 -24.76
N VAL A 187 9.80 -8.88 -25.63
CA VAL A 187 10.00 -8.64 -27.07
C VAL A 187 10.01 -7.14 -27.32
N ALA A 188 10.58 -6.75 -28.46
CA ALA A 188 10.78 -5.34 -28.77
C ALA A 188 9.40 -4.70 -29.04
N ALA A 189 9.16 -3.53 -28.44
CA ALA A 189 7.89 -2.82 -28.59
C ALA A 189 7.79 -2.25 -29.98
N VAL A 190 6.57 -2.15 -30.48
CA VAL A 190 6.26 -1.50 -31.72
C VAL A 190 5.39 -0.25 -31.47
N TYR A 191 5.95 0.95 -31.68
CA TYR A 191 5.24 2.20 -31.40
C TYR A 191 4.53 2.78 -32.63
N PRO A 192 3.18 2.88 -32.61
CA PRO A 192 2.49 3.49 -33.76
C PRO A 192 3.12 4.81 -34.24
N CYS A 193 3.61 5.69 -33.35
CA CYS A 193 4.06 7.00 -33.76
C CYS A 193 5.35 6.88 -34.54
N GLU A 194 6.11 5.81 -34.33
CA GLU A 194 7.35 5.62 -35.11
C GLU A 194 7.16 4.80 -36.38
N THR A 195 6.04 4.11 -36.52
CA THR A 195 5.97 3.11 -37.54
C THR A 195 4.83 3.35 -38.48
N SER A 196 3.65 3.62 -37.98
CA SER A 196 2.52 3.59 -38.90
C SER A 196 1.70 4.88 -38.93
N VAL A 197 2.01 5.83 -38.04
CA VAL A 197 1.11 6.93 -37.80
C VAL A 197 1.94 8.17 -37.61
N LYS A 198 1.54 9.26 -38.25
CA LYS A 198 2.21 10.56 -38.03
C LYS A 198 1.44 11.24 -36.87
N CYS A 199 2.09 11.33 -35.73
CA CYS A 199 1.43 11.77 -34.49
C CYS A 199 1.71 13.25 -34.25
N ASP A 200 0.66 14.01 -34.05
CA ASP A 200 0.78 15.46 -33.92
C ASP A 200 0.83 15.79 -32.45
N THR A 201 2.03 15.69 -31.92
CA THR A 201 2.26 15.81 -30.48
C THR A 201 2.12 17.23 -29.91
N ARG A 202 1.64 18.17 -30.74
CA ARG A 202 1.43 19.55 -30.31
C ARG A 202 -0.05 19.88 -30.28
N SER A 203 -0.86 18.85 -30.52
CA SER A 203 -2.31 18.95 -30.42
C SER A 203 -2.84 17.87 -29.51
N ALA A 204 -4.08 18.12 -29.05
CA ALA A 204 -4.87 17.19 -28.28
C ALA A 204 -5.41 16.14 -29.26
N LEU A 205 -5.40 14.87 -28.84
CA LEU A 205 -6.03 13.83 -29.63
C LEU A 205 -7.51 14.10 -29.83
N PRO A 206 -8.04 13.61 -30.93
CA PRO A 206 -9.48 13.62 -31.06
C PRO A 206 -10.15 12.74 -29.97
N VAL A 207 -11.36 13.12 -29.58
CA VAL A 207 -12.18 12.34 -28.71
C VAL A 207 -12.62 11.07 -29.45
N PRO A 208 -12.33 9.88 -28.87
CA PRO A 208 -12.73 8.71 -29.68
C PRO A 208 -14.27 8.58 -29.68
N THR A 209 -14.85 8.23 -30.81
CA THR A 209 -16.29 7.99 -30.86
C THR A 209 -16.47 6.56 -31.34
N GLY A 210 -17.67 6.02 -31.11
CA GLY A 210 -18.01 4.64 -31.54
C GLY A 210 -17.26 3.53 -30.80
N LEU A 211 -16.93 3.79 -29.52
CA LEU A 211 -16.34 2.75 -28.69
C LEU A 211 -17.46 1.82 -28.28
N PRO A 212 -17.26 0.49 -28.46
CA PRO A 212 -18.34 -0.44 -28.20
C PRO A 212 -18.63 -0.48 -26.72
N ALA A 213 -19.88 -0.76 -26.40
CA ALA A 213 -20.30 -0.82 -25.01
C ALA A 213 -19.53 -1.99 -24.30
N THR A 214 -19.30 -3.09 -25.04
CA THR A 214 -18.57 -4.28 -24.57
C THR A 214 -17.33 -4.50 -25.45
N PRO A 215 -16.16 -4.66 -24.83
CA PRO A 215 -14.90 -4.72 -25.55
C PRO A 215 -14.92 -5.96 -26.42
N VAL A 216 -14.24 -5.92 -27.56
CA VAL A 216 -14.38 -6.90 -28.64
C VAL A 216 -12.96 -7.45 -28.85
N ALA A 217 -12.85 -8.76 -29.01
CA ALA A 217 -11.55 -9.41 -29.28
C ALA A 217 -11.06 -8.95 -30.64
N GLY A 218 -9.74 -8.78 -30.80
CA GLY A 218 -9.20 -8.43 -32.11
C GLY A 218 -9.21 -6.90 -32.32
N ASN A 219 -9.93 -6.15 -31.46
CA ASN A 219 -9.75 -4.69 -31.35
C ASN A 219 -8.48 -4.30 -30.58
N ALA A 220 -7.78 -3.24 -31.00
CA ALA A 220 -6.66 -2.72 -30.19
C ALA A 220 -7.20 -2.12 -28.91
N PRO A 221 -6.39 -2.04 -27.82
CA PRO A 221 -6.99 -1.42 -26.61
C PRO A 221 -7.67 -0.04 -26.90
N SER A 222 -7.04 0.77 -27.72
CA SER A 222 -7.63 2.10 -28.03
C SER A 222 -8.92 2.03 -28.84
N GLU A 223 -9.25 0.84 -29.35
CA GLU A 223 -10.55 0.60 -30.05
C GLU A 223 -11.67 0.09 -29.15
N ASN A 224 -11.30 -0.29 -27.92
CA ASN A 224 -12.21 -0.81 -26.93
C ASN A 224 -12.35 0.22 -25.82
N PHE A 225 -11.32 1.04 -25.61
CA PHE A 225 -11.31 1.97 -24.44
C PHE A 225 -10.81 3.32 -24.92
N ASP A 226 -11.12 4.36 -24.17
CA ASP A 226 -10.60 5.66 -24.49
C ASP A 226 -9.18 5.67 -23.89
N MET A 227 -8.17 5.54 -24.75
CA MET A 227 -6.79 5.55 -24.34
C MET A 227 -6.13 6.97 -24.58
N THR A 228 -6.92 7.98 -24.93
CA THR A 228 -6.34 9.32 -25.18
C THR A 228 -5.89 10.06 -23.92
N HIS A 229 -6.41 9.65 -22.78
CA HIS A 229 -6.08 10.32 -21.52
C HIS A 229 -5.23 9.46 -20.58
N TRP A 230 -4.35 8.62 -21.14
CA TRP A 230 -3.45 7.86 -20.27
C TRP A 230 -2.11 7.75 -20.94
N TYR A 231 -1.04 7.52 -20.19
CA TYR A 231 0.17 6.92 -20.79
C TYR A 231 0.43 5.63 -20.02
N LEU A 232 1.18 4.69 -20.62
CA LEU A 232 1.36 3.38 -19.99
C LEU A 232 2.80 3.28 -19.49
N SER A 233 2.99 2.91 -18.23
CA SER A 233 4.35 2.72 -17.72
C SER A 233 4.75 1.23 -17.90
N GLN A 234 5.85 0.92 -18.59
CA GLN A 234 6.19 -0.48 -18.91
C GLN A 234 7.45 -0.86 -18.21
N PRO A 235 7.49 -2.05 -17.60
CA PRO A 235 8.63 -2.32 -16.73
C PRO A 235 9.95 -2.78 -17.41
N PHE A 236 10.04 -2.80 -18.73
CA PHE A 236 11.32 -3.17 -19.40
C PHE A 236 12.00 -1.87 -19.76
N ASP A 237 13.28 -1.93 -20.17
CA ASP A 237 14.07 -0.69 -20.40
C ASP A 237 14.97 -0.86 -21.62
N HIS A 238 14.34 -0.80 -22.78
CA HIS A 238 14.97 -1.21 -24.01
C HIS A 238 15.89 -0.11 -24.59
N ASP A 239 15.80 1.13 -24.12
CA ASP A 239 16.72 2.24 -24.52
C ASP A 239 17.74 2.47 -23.41
N LYS A 240 17.71 1.62 -22.40
CA LYS A 240 18.77 1.61 -21.40
C LYS A 240 19.01 2.97 -20.70
N ASN A 241 17.93 3.69 -20.38
CA ASN A 241 18.12 4.86 -19.52
C ASN A 241 17.87 4.64 -18.05
N GLY A 242 17.74 3.40 -17.61
CA GLY A 242 17.36 3.18 -16.21
C GLY A 242 15.88 3.44 -15.84
N LYS A 243 15.03 3.73 -16.82
CA LYS A 243 13.64 4.07 -16.51
C LYS A 243 12.68 3.18 -17.33
N PRO A 244 11.45 2.93 -16.79
CA PRO A 244 10.41 2.31 -17.57
C PRO A 244 10.35 2.97 -18.96
N ASP A 245 10.09 2.16 -19.95
CA ASP A 245 9.76 2.65 -21.28
C ASP A 245 8.25 3.02 -21.34
N ASP A 246 7.94 4.31 -21.33
CA ASP A 246 6.57 4.82 -21.21
C ASP A 246 5.91 4.88 -22.57
N VAL A 247 4.62 4.60 -22.62
CA VAL A 247 3.95 4.69 -23.93
C VAL A 247 3.03 5.90 -23.82
N SER A 248 3.38 6.94 -24.56
CA SER A 248 2.66 8.24 -24.56
C SER A 248 1.25 8.09 -25.03
N GLU A 249 0.39 9.04 -24.69
CA GLU A 249 -1.03 9.02 -25.18
C GLU A 249 -1.16 8.89 -26.70
N TRP A 250 -0.35 9.60 -27.49
CA TRP A 250 -0.44 9.50 -28.98
C TRP A 250 -0.18 8.05 -29.44
N ASN A 251 0.80 7.40 -28.86
CA ASN A 251 0.96 5.94 -29.08
C ASN A 251 -0.22 5.03 -28.64
N LEU A 252 -0.67 5.15 -27.38
CA LEU A 252 -1.71 4.31 -26.87
C LEU A 252 -2.92 4.52 -27.70
N ALA A 253 -3.23 5.78 -28.05
CA ALA A 253 -4.53 6.04 -28.72
C ALA A 253 -4.53 5.63 -30.18
N ASN A 254 -3.36 5.30 -30.70
CA ASN A 254 -3.31 4.74 -32.04
C ASN A 254 -3.06 3.22 -32.11
N GLY A 255 -3.53 2.47 -31.09
CA GLY A 255 -3.53 1.03 -31.21
C GLY A 255 -2.32 0.35 -30.58
N TYR A 256 -1.45 1.05 -29.81
CA TYR A 256 -0.33 0.34 -29.14
C TYR A 256 -0.78 -0.92 -28.35
N GLN A 257 -0.02 -2.02 -28.48
CA GLN A 257 -0.17 -3.26 -27.64
C GLN A 257 1.22 -3.82 -27.42
N HIS A 258 1.46 -4.38 -26.23
CA HIS A 258 2.65 -5.20 -26.07
C HIS A 258 2.16 -6.60 -25.79
N PRO A 259 2.54 -7.55 -26.65
CA PRO A 259 1.90 -8.89 -26.64
C PRO A 259 2.18 -9.71 -25.36
N GLU A 260 3.21 -9.33 -24.59
CA GLU A 260 3.46 -9.95 -23.26
C GLU A 260 2.76 -9.32 -22.05
N ILE A 261 2.53 -8.01 -22.05
CA ILE A 261 2.17 -7.29 -20.82
C ILE A 261 0.97 -6.38 -20.97
N PHE A 262 0.61 -5.97 -22.19
CA PHE A 262 -0.50 -5.03 -22.35
C PHE A 262 -1.21 -5.26 -23.66
N TYR A 263 -2.34 -6.00 -23.63
CA TYR A 263 -2.95 -6.39 -24.91
C TYR A 263 -4.37 -6.85 -24.75
N THR A 264 -5.11 -6.90 -25.87
CA THR A 264 -6.49 -7.31 -25.89
C THR A 264 -6.60 -8.83 -25.81
N ALA A 265 -7.38 -9.30 -24.84
CA ALA A 265 -7.53 -10.76 -24.63
C ALA A 265 -8.51 -11.34 -25.69
N ASP A 266 -8.67 -12.66 -25.69
CA ASP A 266 -9.53 -13.34 -26.64
C ASP A 266 -11.03 -13.12 -26.36
N ASP A 267 -11.40 -12.43 -25.29
CA ASP A 267 -12.79 -11.98 -25.15
C ASP A 267 -12.85 -10.44 -25.18
N GLY A 268 -11.73 -9.79 -25.52
CA GLY A 268 -11.76 -8.31 -25.68
C GLY A 268 -11.24 -7.52 -24.49
N GLY A 269 -11.16 -8.17 -23.33
CA GLY A 269 -10.61 -7.55 -22.13
C GLY A 269 -9.20 -7.00 -22.35
N LEU A 270 -8.87 -5.95 -21.61
CA LEU A 270 -7.53 -5.43 -21.62
C LEU A 270 -6.66 -6.03 -20.52
N VAL A 271 -5.63 -6.75 -20.94
CA VAL A 271 -4.80 -7.50 -20.01
C VAL A 271 -3.62 -6.64 -19.62
N PHE A 272 -3.35 -6.56 -18.29
CA PHE A 272 -2.10 -5.97 -17.80
C PHE A 272 -1.37 -7.09 -17.09
N LYS A 273 -0.09 -7.30 -17.35
CA LYS A 273 0.69 -8.24 -16.58
C LYS A 273 1.96 -7.58 -16.00
N SER A 274 2.21 -7.82 -14.72
CA SER A 274 3.36 -7.24 -14.05
C SER A 274 4.16 -8.28 -13.27
N TYR A 275 5.39 -8.53 -13.70
CA TYR A 275 6.36 -9.36 -13.01
C TYR A 275 6.96 -8.68 -11.80
N VAL A 276 7.61 -9.48 -10.94
CA VAL A 276 8.41 -8.98 -9.85
C VAL A 276 9.56 -8.13 -10.43
N LYS A 277 10.25 -8.69 -11.46
CA LYS A 277 11.37 -8.02 -12.11
C LYS A 277 10.95 -6.77 -12.93
N GLY A 278 11.89 -5.84 -13.04
CA GLY A 278 11.72 -4.67 -13.95
C GLY A 278 12.41 -3.43 -13.42
N VAL A 279 12.59 -2.44 -14.29
CA VAL A 279 12.99 -1.10 -13.81
C VAL A 279 11.79 -0.50 -13.10
N ARG A 280 12.04 0.53 -12.30
CA ARG A 280 10.99 1.09 -11.43
C ARG A 280 10.92 2.59 -11.68
N THR A 281 9.84 3.23 -11.25
CA THR A 281 9.61 4.61 -11.65
C THR A 281 10.52 5.61 -10.96
N SER A 282 11.07 5.23 -9.81
CA SER A 282 11.94 6.13 -9.05
C SER A 282 12.46 5.31 -7.85
N LYS A 283 13.46 5.84 -7.13
CA LYS A 283 13.98 5.22 -5.91
C LYS A 283 12.96 5.27 -4.77
N ASN A 284 11.86 5.97 -4.97
CA ASN A 284 10.85 5.99 -3.90
C ASN A 284 9.91 4.79 -3.74
N THR A 285 9.95 3.89 -4.69
CA THR A 285 9.21 2.64 -4.57
C THR A 285 10.18 1.50 -4.78
N LYS A 286 9.84 0.34 -4.24
CA LYS A 286 10.62 -0.86 -4.50
C LYS A 286 10.14 -1.69 -5.65
N TYR A 287 8.98 -1.35 -6.18
CA TYR A 287 8.22 -2.23 -7.10
C TYR A 287 8.09 -1.89 -8.58
N ALA A 288 8.06 -2.89 -9.45
CA ALA A 288 7.76 -2.68 -10.86
C ALA A 288 6.19 -2.50 -11.03
N ARG A 289 5.76 -1.96 -12.17
CA ARG A 289 4.33 -1.77 -12.44
C ARG A 289 4.10 -1.90 -13.92
N THR A 290 2.89 -2.31 -14.29
CA THR A 290 2.48 -2.20 -15.68
C THR A 290 1.15 -1.49 -15.49
N GLU A 291 1.19 -0.17 -15.61
CA GLU A 291 0.08 0.66 -15.07
C GLU A 291 -0.11 1.93 -15.89
N LEU A 292 -1.35 2.35 -16.01
CA LEU A 292 -1.72 3.64 -16.66
C LEU A 292 -1.65 4.79 -15.71
N ARG A 293 -1.28 5.96 -16.23
CA ARG A 293 -1.14 7.19 -15.48
C ARG A 293 -1.98 8.26 -16.23
N GLU A 294 -2.96 8.83 -15.54
CA GLU A 294 -3.87 9.77 -16.18
C GLU A 294 -3.16 11.01 -16.80
N MET A 295 -3.54 11.36 -18.03
CA MET A 295 -2.93 12.57 -18.69
C MET A 295 -4.07 13.38 -19.26
N MET A 296 -4.55 14.35 -18.48
CA MET A 296 -5.67 15.17 -18.98
C MET A 296 -5.26 16.11 -20.13
N ARG A 297 -3.95 16.28 -20.38
CA ARG A 297 -3.54 17.00 -21.63
C ARG A 297 -3.95 16.23 -22.85
N ARG A 298 -4.17 14.91 -22.68
CA ARG A 298 -4.72 14.11 -23.77
C ARG A 298 -3.86 14.22 -25.06
N GLY A 299 -2.54 14.06 -24.97
CA GLY A 299 -1.73 14.04 -26.18
C GLY A 299 -1.02 15.36 -26.55
N ASP A 300 -1.48 16.46 -25.99
CA ASP A 300 -0.90 17.76 -26.29
C ASP A 300 0.28 17.88 -25.41
N GLN A 301 1.43 17.51 -25.96
CA GLN A 301 2.69 17.51 -25.20
C GLN A 301 3.32 18.90 -24.99
N SER A 302 2.63 19.98 -25.39
CA SER A 302 3.04 21.34 -24.92
C SER A 302 2.71 21.53 -23.44
N ILE A 303 1.83 20.68 -22.92
CA ILE A 303 1.54 20.64 -21.49
C ILE A 303 2.37 19.55 -20.78
N SER A 304 2.90 19.93 -19.63
CA SER A 304 3.76 19.19 -18.78
C SER A 304 3.02 18.00 -18.07
N THR A 305 3.76 16.95 -17.72
CA THR A 305 3.19 15.83 -16.95
C THR A 305 2.79 16.21 -15.53
N LYS A 306 3.67 16.94 -14.85
CA LYS A 306 3.55 17.24 -13.44
C LYS A 306 3.15 18.70 -13.22
N GLY A 307 2.28 18.96 -12.25
CA GLY A 307 1.93 20.35 -11.87
C GLY A 307 0.43 20.53 -11.78
N VAL A 308 -0.01 21.54 -11.01
CA VAL A 308 -1.41 21.93 -11.01
C VAL A 308 -1.51 22.65 -12.33
N ASN A 309 -1.81 21.93 -13.41
CA ASN A 309 -1.82 22.52 -14.76
C ASN A 309 -2.88 21.84 -15.60
N LYS A 310 -2.78 22.00 -16.91
CA LYS A 310 -3.78 21.42 -17.79
C LYS A 310 -3.60 19.91 -18.09
N ASN A 311 -2.74 19.27 -17.33
CA ASN A 311 -2.65 17.82 -17.44
C ASN A 311 -3.29 17.05 -16.25
N ASN A 312 -3.65 17.79 -15.20
CA ASN A 312 -4.05 17.16 -13.94
C ASN A 312 -5.30 17.80 -13.36
N TRP A 313 -5.95 17.11 -12.42
CA TRP A 313 -7.13 17.71 -11.76
C TRP A 313 -6.81 18.02 -10.31
N VAL A 314 -7.77 18.67 -9.62
CA VAL A 314 -7.69 18.94 -8.17
C VAL A 314 -9.06 18.63 -7.53
N PHE A 315 -9.09 18.44 -6.21
CA PHE A 315 -10.36 18.28 -5.47
C PHE A 315 -11.04 19.65 -5.51
N SER A 316 -12.38 19.68 -5.64
CA SER A 316 -13.12 20.97 -5.64
C SER A 316 -12.94 21.83 -4.36
N SER A 317 -12.29 21.29 -3.34
CA SER A 317 -12.14 21.95 -2.07
C SER A 317 -10.81 22.71 -2.07
N ALA A 318 -10.02 22.57 -3.14
CA ALA A 318 -8.76 23.27 -3.28
C ALA A 318 -8.95 24.80 -3.42
N PRO A 319 -7.90 25.57 -3.19
CA PRO A 319 -8.05 27.03 -3.43
C PRO A 319 -8.49 27.38 -4.86
N GLU A 320 -9.19 28.51 -4.98
CA GLU A 320 -9.66 29.01 -6.27
C GLU A 320 -8.57 29.04 -7.36
N ALA A 321 -7.36 29.52 -7.08
CA ALA A 321 -6.30 29.52 -8.11
C ALA A 321 -6.03 28.09 -8.70
N ASP A 322 -6.12 27.05 -7.86
CA ASP A 322 -5.90 25.65 -8.32
C ASP A 322 -7.07 25.16 -9.13
N LEU A 323 -8.27 25.55 -8.72
CA LEU A 323 -9.51 25.11 -9.34
C LEU A 323 -9.54 25.51 -10.78
N GLU A 324 -9.03 26.71 -11.02
CA GLU A 324 -8.99 27.27 -12.35
C GLU A 324 -7.77 26.78 -13.15
N ALA A 325 -6.61 26.61 -12.52
CA ALA A 325 -5.38 26.28 -13.29
C ALA A 325 -5.40 24.78 -13.75
N ALA A 326 -6.22 23.96 -13.08
CA ALA A 326 -6.31 22.49 -13.32
C ALA A 326 -7.06 22.25 -14.57
N ALA A 327 -6.88 21.08 -15.17
CA ALA A 327 -7.75 20.67 -16.29
C ALA A 327 -9.17 20.27 -15.87
N GLY A 328 -9.40 19.98 -14.59
CA GLY A 328 -10.74 19.70 -14.11
C GLY A 328 -10.70 19.58 -12.60
N ILE A 329 -11.88 19.42 -11.99
CA ILE A 329 -12.00 19.44 -10.57
C ILE A 329 -12.83 18.23 -10.22
N ASP A 330 -12.52 17.59 -9.09
CA ASP A 330 -13.16 16.33 -8.65
C ASP A 330 -12.92 15.20 -9.67
N GLY A 331 -13.40 14.01 -9.41
CA GLY A 331 -13.13 12.93 -10.35
C GLY A 331 -13.83 11.64 -10.00
N VAL A 332 -14.11 10.91 -11.06
CA VAL A 332 -14.67 9.57 -10.94
C VAL A 332 -13.85 8.61 -11.84
N LEU A 333 -13.37 7.48 -11.26
CA LEU A 333 -12.80 6.33 -12.01
C LEU A 333 -13.75 5.16 -11.73
N GLU A 334 -14.20 4.54 -12.80
CA GLU A 334 -15.02 3.37 -12.67
C GLU A 334 -14.41 2.27 -13.54
N ALA A 335 -14.17 1.10 -12.95
CA ALA A 335 -13.51 -0.01 -13.68
C ALA A 335 -14.26 -1.29 -13.39
N THR A 336 -14.17 -2.22 -14.34
CA THR A 336 -14.70 -3.57 -14.22
C THR A 336 -13.53 -4.44 -14.66
N LEU A 337 -13.28 -5.53 -13.92
N LEU A 337 -13.26 -5.51 -13.90
CA LEU A 337 -12.08 -6.35 -14.12
CA LEU A 337 -12.06 -6.34 -14.10
C LEU A 337 -12.20 -7.71 -13.47
C LEU A 337 -12.20 -7.71 -13.47
N LYS A 338 -11.21 -8.57 -13.74
CA LYS A 338 -11.05 -9.84 -13.04
C LYS A 338 -9.56 -10.01 -12.88
N ILE A 339 -9.20 -10.76 -11.84
CA ILE A 339 -7.83 -11.03 -11.55
C ILE A 339 -7.52 -12.41 -12.15
N ASP A 340 -6.50 -12.49 -13.02
CA ASP A 340 -6.20 -13.77 -13.64
C ASP A 340 -5.16 -14.51 -12.83
N HIS A 341 -4.34 -13.80 -12.04
CA HIS A 341 -3.23 -14.44 -11.34
C HIS A 341 -2.64 -13.43 -10.35
N ALA A 342 -2.22 -13.92 -9.16
CA ALA A 342 -1.59 -13.17 -8.12
C ALA A 342 -0.25 -13.84 -7.84
N THR A 343 0.82 -13.08 -7.56
CA THR A 343 2.10 -13.70 -7.21
C THR A 343 1.88 -14.75 -6.12
N THR A 344 2.65 -15.85 -6.19
CA THR A 344 2.54 -16.90 -5.17
C THR A 344 3.84 -17.04 -4.40
N THR A 345 4.84 -16.22 -4.70
CA THR A 345 6.11 -16.26 -3.98
C THR A 345 6.36 -14.88 -3.36
N GLY A 346 7.18 -14.81 -2.30
CA GLY A 346 7.57 -13.54 -1.71
C GLY A 346 7.32 -13.59 -0.24
N ASN A 347 7.54 -12.48 0.45
CA ASN A 347 7.52 -12.44 1.90
C ASN A 347 6.13 -12.21 2.49
N ALA A 348 6.02 -12.29 3.83
CA ALA A 348 4.71 -12.31 4.51
C ALA A 348 3.78 -11.08 4.20
N ASN A 349 4.32 -9.88 4.03
CA ASN A 349 3.44 -8.80 3.59
C ASN A 349 3.25 -8.56 2.08
N GLU A 350 4.12 -9.14 1.22
CA GLU A 350 4.11 -8.86 -0.22
C GLU A 350 3.43 -9.95 -1.04
N VAL A 351 3.56 -11.22 -0.65
CA VAL A 351 3.05 -12.28 -1.52
C VAL A 351 1.58 -12.03 -1.92
N GLY A 352 1.27 -12.19 -3.22
CA GLY A 352 -0.10 -12.06 -3.70
C GLY A 352 -0.72 -10.65 -3.82
N ARG A 353 0.05 -9.60 -3.52
CA ARG A 353 -0.44 -8.22 -3.33
C ARG A 353 -0.12 -7.31 -4.53
N PHE A 354 -1.10 -6.55 -5.02
CA PHE A 354 -0.82 -5.54 -6.03
C PHE A 354 -1.90 -4.46 -6.01
N ILE A 355 -1.67 -3.36 -6.73
CA ILE A 355 -2.63 -2.29 -6.75
C ILE A 355 -3.32 -2.21 -8.12
N ILE A 356 -4.61 -1.97 -8.09
CA ILE A 356 -5.42 -1.94 -9.34
C ILE A 356 -6.07 -0.58 -9.65
N GLY A 357 -6.00 0.35 -8.71
CA GLY A 357 -6.53 1.72 -8.96
C GLY A 357 -5.84 2.63 -7.96
N GLN A 358 -5.58 3.88 -8.34
CA GLN A 358 -5.02 4.88 -7.43
C GLN A 358 -5.54 6.30 -7.76
N ILE A 359 -5.43 7.20 -6.79
CA ILE A 359 -5.35 8.62 -7.05
C ILE A 359 -4.07 9.01 -6.35
N ALA A 360 -3.20 9.76 -7.03
CA ALA A 360 -1.90 10.13 -6.48
C ALA A 360 -1.70 11.64 -6.65
N ASP A 361 -0.97 12.27 -5.74
CA ASP A 361 -0.47 13.60 -6.01
C ASP A 361 1.03 13.48 -6.20
N GLN A 362 1.77 14.58 -6.16
CA GLN A 362 3.21 14.51 -6.38
C GLN A 362 3.92 13.56 -5.42
N ASN A 363 3.39 13.40 -4.20
CA ASN A 363 4.12 12.69 -3.16
C ASN A 363 3.41 11.51 -2.56
N ASP A 364 2.09 11.61 -2.38
CA ASP A 364 1.24 10.70 -1.56
C ASP A 364 0.06 10.20 -2.37
N GLU A 365 -0.76 9.31 -1.80
CA GLU A 365 -1.93 8.78 -2.47
C GLU A 365 -3.19 8.94 -1.62
N PRO A 366 -4.12 9.78 -2.09
CA PRO A 366 -5.44 9.78 -1.46
C PRO A 366 -6.06 8.39 -1.48
N ILE A 367 -5.77 7.57 -2.48
CA ILE A 367 -6.19 6.16 -2.39
C ILE A 367 -5.27 5.22 -3.22
N ARG A 368 -5.03 4.03 -2.67
CA ARG A 368 -4.46 2.89 -3.39
C ARG A 368 -5.38 1.77 -3.08
N LEU A 369 -6.02 1.25 -4.14
CA LEU A 369 -6.87 0.12 -4.12
C LEU A 369 -6.09 -1.18 -4.43
N TYR A 370 -6.06 -2.07 -3.43
CA TYR A 370 -5.34 -3.34 -3.52
C TYR A 370 -6.25 -4.46 -3.82
N TYR A 371 -5.72 -5.44 -4.55
CA TYR A 371 -6.27 -6.77 -4.49
C TYR A 371 -5.17 -7.63 -3.89
N ARG A 372 -5.56 -8.57 -3.04
CA ARG A 372 -4.52 -9.46 -2.47
C ARG A 372 -5.03 -10.89 -2.29
N LYS A 373 -4.32 -11.86 -2.88
CA LYS A 373 -4.68 -13.28 -2.65
C LYS A 373 -3.47 -14.06 -2.09
N LEU A 374 -3.65 -14.71 -0.92
CA LEU A 374 -2.54 -15.52 -0.33
C LEU A 374 -2.48 -16.86 -1.04
N PRO A 375 -1.26 -17.41 -1.22
CA PRO A 375 -1.18 -18.64 -2.01
C PRO A 375 -2.05 -19.80 -1.42
N ASN A 376 -2.23 -19.83 -0.11
CA ASN A 376 -3.01 -20.86 0.62
C ASN A 376 -4.54 -20.60 0.75
N GLN A 377 -5.01 -19.41 0.34
CA GLN A 377 -6.45 -19.07 0.42
C GLN A 377 -7.09 -19.26 -0.92
N PRO A 378 -8.34 -19.73 -0.93
CA PRO A 378 -8.92 -19.96 -2.25
C PRO A 378 -9.53 -18.73 -2.92
N THR A 379 -9.75 -17.62 -2.19
CA THR A 379 -10.16 -16.37 -2.85
C THR A 379 -9.33 -15.23 -2.27
N GLY A 380 -9.44 -14.04 -2.87
CA GLY A 380 -8.59 -12.93 -2.41
C GLY A 380 -9.36 -11.78 -1.82
N ALA A 381 -8.61 -10.85 -1.23
CA ALA A 381 -9.22 -9.64 -0.65
C ALA A 381 -9.09 -8.38 -1.54
N VAL A 382 -10.05 -7.47 -1.43
CA VAL A 382 -9.96 -6.08 -1.94
C VAL A 382 -10.17 -5.07 -0.82
N TYR A 383 -9.18 -4.20 -0.64
CA TYR A 383 -9.23 -3.18 0.42
C TYR A 383 -8.44 -1.97 -0.11
N PHE A 384 -8.43 -0.86 0.60
CA PHE A 384 -7.73 0.33 0.12
C PHE A 384 -7.20 1.06 1.24
N ALA A 385 -6.14 1.84 0.95
CA ALA A 385 -5.50 2.77 1.85
C ALA A 385 -5.85 4.21 1.49
N HIS A 386 -6.01 5.06 2.52
CA HIS A 386 -6.02 6.55 2.38
C HIS A 386 -4.84 7.08 3.18
N GLU A 387 -3.89 7.64 2.49
CA GLU A 387 -2.76 8.25 3.17
C GLU A 387 -3.14 9.70 3.30
N SER A 388 -2.80 10.32 4.44
CA SER A 388 -3.20 11.70 4.74
C SER A 388 -2.11 12.48 5.47
N GLN A 389 -2.27 13.81 5.48
CA GLN A 389 -1.47 14.73 6.29
C GLN A 389 -0.02 14.57 5.96
N ASP A 390 0.26 14.80 4.68
CA ASP A 390 1.61 14.68 4.14
C ASP A 390 2.22 13.36 4.49
N ALA A 391 1.43 12.27 4.48
CA ALA A 391 1.94 10.91 4.66
C ALA A 391 2.32 10.62 6.11
N THR A 392 1.93 11.47 7.06
CA THR A 392 2.15 11.14 8.49
C THR A 392 1.09 10.17 8.96
N LYS A 393 -0.03 10.06 8.23
CA LYS A 393 -1.15 9.25 8.68
C LYS A 393 -1.56 8.25 7.56
N GLU A 394 -1.98 7.04 7.91
CA GLU A 394 -2.45 6.07 6.93
C GLU A 394 -3.51 5.16 7.50
N ASP A 395 -4.66 5.04 6.84
CA ASP A 395 -5.76 4.17 7.27
C ASP A 395 -6.16 3.23 6.16
N PHE A 396 -6.48 1.98 6.51
CA PHE A 396 -6.96 1.00 5.54
C PHE A 396 -8.40 0.69 5.78
N TYR A 397 -9.15 0.49 4.71
CA TYR A 397 -10.58 0.28 4.77
C TYR A 397 -10.86 -0.99 4.01
N PRO A 398 -11.53 -1.96 4.65
CA PRO A 398 -11.92 -3.18 3.95
C PRO A 398 -12.97 -2.94 2.90
N LEU A 399 -12.93 -3.70 1.82
CA LEU A 399 -14.09 -3.74 0.94
C LEU A 399 -14.66 -5.16 0.93
N VAL A 400 -13.92 -6.14 0.36
CA VAL A 400 -14.26 -7.56 0.53
C VAL A 400 -13.01 -8.12 1.21
N GLY A 401 -13.09 -8.29 2.54
CA GLY A 401 -11.92 -8.68 3.38
C GLY A 401 -11.00 -7.50 3.62
N ASP A 402 -9.81 -7.75 4.16
CA ASP A 402 -8.95 -6.68 4.66
C ASP A 402 -7.52 -7.05 4.33
N MET A 403 -6.58 -6.33 4.93
CA MET A 403 -5.19 -6.42 4.51
C MET A 403 -4.46 -7.69 4.92
N THR A 404 -5.07 -8.51 5.77
CA THR A 404 -4.50 -9.83 6.13
C THR A 404 -4.77 -10.75 4.96
N ALA A 405 -5.83 -10.44 4.19
CA ALA A 405 -6.26 -11.27 3.05
C ALA A 405 -6.65 -12.72 3.49
N GLU A 406 -7.02 -12.85 4.75
CA GLU A 406 -7.49 -14.16 5.30
C GLU A 406 -8.97 -14.28 5.17
N VAL A 407 -9.42 -14.44 3.94
CA VAL A 407 -10.83 -14.38 3.62
C VAL A 407 -11.47 -15.75 3.36
N GLY A 408 -10.68 -16.84 3.40
CA GLY A 408 -11.22 -18.17 3.07
C GLY A 408 -11.91 -18.19 1.68
N GLU A 409 -13.20 -18.58 1.70
CA GLU A 409 -14.04 -18.79 0.50
C GLU A 409 -14.89 -17.55 0.24
N ASP A 410 -14.74 -16.55 1.09
CA ASP A 410 -15.65 -15.41 1.12
C ASP A 410 -15.13 -14.16 0.36
N GLY A 411 -14.05 -14.28 -0.41
CA GLY A 411 -13.51 -13.11 -1.08
C GLY A 411 -13.83 -13.15 -2.55
N ILE A 412 -12.89 -12.72 -3.37
CA ILE A 412 -13.14 -12.56 -4.82
C ILE A 412 -12.17 -13.52 -5.45
N ALA A 413 -12.70 -14.47 -6.20
CA ALA A 413 -11.90 -15.56 -6.76
C ALA A 413 -11.07 -15.10 -7.99
N LEU A 414 -9.95 -15.75 -8.24
CA LEU A 414 -9.27 -15.62 -9.52
C LEU A 414 -10.31 -15.87 -10.58
N GLY A 415 -10.38 -14.97 -11.57
CA GLY A 415 -11.34 -15.21 -12.66
C GLY A 415 -12.68 -14.55 -12.46
N GLU A 416 -12.97 -14.06 -11.28
CA GLU A 416 -14.31 -13.51 -11.04
C GLU A 416 -14.38 -12.00 -11.38
N VAL A 417 -15.37 -11.62 -12.13
CA VAL A 417 -15.51 -10.25 -12.59
C VAL A 417 -16.21 -9.36 -11.54
N PHE A 418 -15.56 -8.26 -11.18
CA PHE A 418 -16.16 -7.30 -10.26
C PHE A 418 -15.82 -5.87 -10.73
N SER A 419 -16.43 -4.88 -10.08
CA SER A 419 -16.33 -3.52 -10.48
C SER A 419 -15.95 -2.66 -9.30
N TYR A 420 -15.35 -1.51 -9.57
CA TYR A 420 -15.04 -0.56 -8.53
C TYR A 420 -15.35 0.83 -8.96
N ARG A 421 -15.58 1.71 -8.02
CA ARG A 421 -15.82 3.14 -8.34
C ARG A 421 -15.16 3.99 -7.27
N ILE A 422 -14.34 4.94 -7.72
CA ILE A 422 -13.66 5.89 -6.88
C ILE A 422 -14.18 7.27 -7.26
N ASP A 423 -14.78 7.94 -6.28
CA ASP A 423 -15.62 9.09 -6.53
C ASP A 423 -15.25 10.15 -5.52
N VAL A 424 -14.58 11.19 -6.00
CA VAL A 424 -14.13 12.31 -5.16
C VAL A 424 -14.99 13.53 -5.46
N LYS A 425 -15.69 14.03 -4.45
CA LYS A 425 -16.38 15.33 -4.52
C LYS A 425 -15.91 16.17 -3.34
N GLY A 426 -15.08 17.16 -3.63
CA GLY A 426 -14.45 17.98 -2.60
C GLY A 426 -13.63 17.14 -1.63
N ASN A 427 -14.02 17.17 -0.35
CA ASN A 427 -13.20 16.48 0.66
C ASN A 427 -13.88 15.18 1.12
N THR A 428 -14.71 14.63 0.24
CA THR A 428 -15.45 13.38 0.47
C THR A 428 -15.09 12.43 -0.66
N MET A 429 -14.50 11.29 -0.31
CA MET A 429 -14.27 10.25 -1.29
C MET A 429 -15.21 9.07 -1.00
N THR A 430 -16.01 8.67 -1.97
CA THR A 430 -16.79 7.45 -1.86
C THR A 430 -16.25 6.31 -2.72
N VAL A 431 -15.94 5.19 -2.09
CA VAL A 431 -15.40 4.03 -2.82
C VAL A 431 -16.39 2.91 -2.74
N THR A 432 -16.76 2.38 -3.90
CA THR A 432 -17.77 1.35 -4.06
C THR A 432 -17.19 0.10 -4.78
N LEU A 433 -17.57 -1.07 -4.30
CA LEU A 433 -17.16 -2.35 -4.88
C LEU A 433 -18.45 -3.10 -5.27
N MET A 434 -18.63 -3.35 -6.57
CA MET A 434 -19.81 -3.92 -7.09
C MET A 434 -19.51 -5.34 -7.59
N ARG A 435 -20.50 -6.22 -7.40
CA ARG A 435 -20.39 -7.62 -7.89
C ARG A 435 -21.78 -8.03 -8.18
N GLU A 436 -21.97 -8.56 -9.37
CA GLU A 436 -23.28 -8.94 -9.90
C GLU A 436 -24.03 -9.87 -8.97
N GLY A 437 -25.30 -9.56 -8.74
CA GLY A 437 -26.11 -10.36 -7.82
C GLY A 437 -25.75 -10.19 -6.35
N LYS A 438 -24.89 -9.22 -6.01
CA LYS A 438 -24.60 -8.93 -4.56
C LYS A 438 -24.84 -7.47 -4.31
N ASP A 439 -24.87 -7.08 -3.04
CA ASP A 439 -25.03 -5.68 -2.69
C ASP A 439 -23.69 -4.99 -2.87
N ASP A 440 -23.78 -3.71 -3.24
CA ASP A 440 -22.59 -2.88 -3.31
C ASP A 440 -22.00 -2.79 -1.94
N VAL A 441 -20.68 -2.71 -1.84
CA VAL A 441 -20.07 -2.35 -0.56
C VAL A 441 -19.53 -0.92 -0.75
N VAL A 442 -19.78 -0.05 0.23
CA VAL A 442 -19.46 1.39 0.12
C VAL A 442 -18.67 1.78 1.33
N GLN A 443 -17.57 2.53 1.14
CA GLN A 443 -16.86 3.20 2.23
C GLN A 443 -16.80 4.67 1.88
N VAL A 444 -17.16 5.53 2.82
CA VAL A 444 -17.12 6.99 2.62
C VAL A 444 -15.95 7.49 3.47
N VAL A 445 -15.04 8.24 2.85
CA VAL A 445 -13.87 8.70 3.58
C VAL A 445 -13.96 10.21 3.71
N ASP A 446 -13.93 10.68 4.95
CA ASP A 446 -13.92 12.09 5.22
C ASP A 446 -12.50 12.58 5.11
N MET A 447 -12.23 13.43 4.11
CA MET A 447 -10.90 13.99 3.91
C MET A 447 -10.71 15.45 4.39
N SER A 448 -11.68 16.02 5.14
CA SER A 448 -11.50 17.45 5.65
C SER A 448 -10.18 17.69 6.29
N ASN A 449 -9.66 16.73 7.06
CA ASN A 449 -8.35 16.98 7.68
C ASN A 449 -7.23 16.27 6.98
N SER A 450 -7.45 15.81 5.74
CA SER A 450 -6.43 14.99 5.07
C SER A 450 -5.34 15.83 4.48
N GLY A 451 -5.64 17.11 4.26
CA GLY A 451 -4.65 18.09 3.77
C GLY A 451 -4.38 18.04 2.25
N TYR A 452 -5.35 17.51 1.49
CA TYR A 452 -5.28 17.46 0.02
C TYR A 452 -5.86 18.69 -0.64
N ASP A 453 -6.49 19.55 0.18
CA ASP A 453 -7.02 20.86 -0.25
C ASP A 453 -6.12 22.05 0.17
N VAL A 454 -4.90 21.81 0.60
CA VAL A 454 -4.16 22.92 1.15
C VAL A 454 -3.66 23.89 0.04
N GLY A 455 -3.59 23.46 -1.21
CA GLY A 455 -3.00 24.29 -2.27
C GLY A 455 -1.71 23.70 -2.84
N GLY A 456 -1.52 23.77 -4.16
CA GLY A 456 -0.28 23.24 -4.83
C GLY A 456 -0.24 21.71 -5.12
N LYS A 457 -1.27 20.94 -4.75
CA LYS A 457 -1.27 19.48 -4.99
C LYS A 457 -2.06 19.12 -6.25
N TYR A 458 -1.44 18.33 -7.15
CA TYR A 458 -2.13 17.99 -8.37
C TYR A 458 -2.47 16.47 -8.36
N MET A 459 -3.59 16.09 -8.96
CA MET A 459 -4.08 14.71 -8.88
C MET A 459 -4.13 14.04 -10.23
N TYR A 460 -3.87 12.74 -10.26
CA TYR A 460 -4.15 11.96 -11.43
C TYR A 460 -4.63 10.59 -11.01
N PHE A 461 -5.53 9.98 -11.76
CA PHE A 461 -5.85 8.57 -11.52
C PHE A 461 -4.73 7.63 -12.06
N LYS A 462 -4.74 6.38 -11.57
CA LYS A 462 -3.94 5.30 -12.16
C LYS A 462 -4.82 4.05 -12.18
N ALA A 463 -4.61 3.15 -13.16
CA ALA A 463 -5.22 1.85 -13.15
C ALA A 463 -4.37 0.84 -13.92
N GLY A 464 -4.55 -0.45 -13.67
CA GLY A 464 -3.76 -1.49 -14.35
C GLY A 464 -3.29 -2.43 -13.22
N VAL A 465 -2.01 -2.80 -13.24
CA VAL A 465 -1.41 -3.59 -12.16
C VAL A 465 -0.06 -3.05 -11.77
N ALA A 466 -0.02 -2.47 -10.58
CA ALA A 466 1.24 -1.97 -9.98
C ALA A 466 1.60 -3.06 -8.96
N ASN A 467 2.69 -3.78 -9.22
CA ASN A 467 3.09 -4.83 -8.32
C ASN A 467 3.42 -4.25 -6.95
N GLN A 468 3.20 -5.03 -5.89
CA GLN A 468 3.55 -4.57 -4.53
C GLN A 468 4.40 -5.71 -3.90
N ASN A 469 5.17 -6.40 -4.75
CA ASN A 469 5.96 -7.56 -4.30
C ASN A 469 7.33 -7.45 -4.97
N ILE A 470 8.39 -7.30 -4.18
CA ILE A 470 9.75 -7.26 -4.72
C ILE A 470 10.54 -8.46 -4.22
N SER A 471 9.88 -9.36 -3.49
CA SER A 471 10.60 -10.37 -2.71
C SER A 471 10.41 -11.76 -3.28
N GLY A 472 9.44 -11.91 -4.21
CA GLY A 472 9.12 -13.22 -4.81
C GLY A 472 10.10 -13.60 -5.93
N ASP A 473 9.85 -14.70 -6.62
CA ASP A 473 10.76 -15.06 -7.73
C ASP A 473 10.62 -14.00 -8.86
N LEU A 474 11.71 -13.72 -9.54
CA LEU A 474 11.78 -12.65 -10.52
C LEU A 474 10.77 -12.80 -11.64
N ASP A 475 10.37 -14.03 -11.98
CA ASP A 475 9.47 -14.23 -13.11
C ASP A 475 8.06 -14.47 -12.62
N ASP A 476 7.81 -14.45 -11.32
CA ASP A 476 6.40 -14.55 -10.85
C ASP A 476 5.71 -13.21 -11.21
N TYR A 477 4.38 -13.19 -11.34
CA TYR A 477 3.68 -12.04 -11.84
C TYR A 477 2.27 -11.95 -11.26
N SER A 478 1.69 -10.76 -11.33
CA SER A 478 0.26 -10.62 -11.11
C SER A 478 -0.35 -10.02 -12.36
N GLN A 479 -1.61 -10.35 -12.61
CA GLN A 479 -2.22 -10.08 -13.92
C GLN A 479 -3.69 -9.90 -13.73
N ALA A 480 -4.21 -8.90 -14.44
CA ALA A 480 -5.65 -8.55 -14.37
C ALA A 480 -6.16 -8.20 -15.77
N THR A 481 -7.43 -8.43 -16.02
CA THR A 481 -8.05 -8.15 -17.30
C THR A 481 -9.18 -7.14 -17.03
N PHE A 482 -9.11 -5.95 -17.66
CA PHE A 482 -10.17 -4.95 -17.50
C PHE A 482 -11.20 -4.96 -18.63
N TYR A 483 -12.46 -4.74 -18.26
CA TYR A 483 -13.54 -4.63 -19.24
C TYR A 483 -14.18 -3.25 -19.29
N GLN A 484 -13.82 -2.38 -18.37
CA GLN A 484 -14.39 -1.03 -18.35
C GLN A 484 -13.32 -0.16 -17.73
N LEU A 485 -13.10 1.05 -18.28
CA LEU A 485 -12.19 2.03 -17.65
C LEU A 485 -12.72 3.41 -18.03
N ASP A 486 -13.59 3.96 -17.18
CA ASP A 486 -14.33 5.18 -17.47
C ASP A 486 -13.84 6.20 -16.45
N VAL A 487 -13.31 7.31 -16.94
CA VAL A 487 -12.84 8.40 -16.12
C VAL A 487 -13.68 9.63 -16.40
N SER A 488 -14.13 10.37 -15.40
CA SER A 488 -14.72 11.67 -15.67
C SER A 488 -14.33 12.69 -14.63
N HIS A 489 -14.55 13.97 -14.95
CA HIS A 489 -14.20 15.11 -14.09
C HIS A 489 -15.23 16.22 -14.32
N ASP A 490 -15.34 17.12 -13.34
CA ASP A 490 -16.15 18.35 -13.54
C ASP A 490 -15.26 19.45 -14.07
N GLN A 491 -15.90 20.54 -14.49
CA GLN A 491 -15.16 21.68 -14.96
C GLN A 491 -15.43 22.86 -14.00
N TYR A 492 -14.46 23.76 -13.88
CA TYR A 492 -14.58 24.95 -13.07
C TYR A 492 -15.49 25.96 -13.80
N LYS A 493 -16.60 26.30 -13.17
CA LYS A 493 -17.61 27.22 -13.72
C LYS A 493 -18.16 26.76 -15.06
C1 LGU B . 11.88 17.95 -23.50
C2 LGU B . 10.97 17.92 -22.23
O2 LGU B . 11.04 19.11 -21.44
C3 LGU B . 9.50 17.45 -22.49
O3 LGU B . 8.69 18.36 -23.25
C4 LGU B . 9.52 16.05 -23.16
O4 LGU B . 10.04 15.08 -22.19
C5 LGU B . 10.38 16.13 -24.45
O5 LGU B . 11.68 16.73 -24.26
C6 LGU B . 10.60 14.72 -24.96
O6B LGU B . 11.79 14.31 -25.04
O6A LGU B . 9.60 14.01 -25.28
O1 LGU B . 11.81 19.12 -24.36
C1 LGU B . 9.23 13.90 -21.85
C2 LGU B . 10.02 12.99 -20.87
O2 LGU B . 11.28 12.56 -21.38
C3 LGU B . 10.16 13.66 -19.48
O3 LGU B . 11.12 14.71 -19.47
C4 LGU B . 8.77 14.14 -18.97
O4 LGU B . 8.00 12.96 -18.57
C5 LGU B . 8.03 14.95 -20.07
O5 LGU B . 7.93 14.18 -21.29
C6 LGU B . 6.64 15.44 -19.70
O6B LGU B . 5.65 15.13 -20.48
O6A LGU B . 6.54 16.14 -18.66
C1 LGU B . 7.58 12.84 -17.22
C2 LGU B . 6.59 11.65 -17.16
O2 LGU B . 5.61 11.66 -18.22
C3 LGU B . 7.29 10.25 -17.21
O3 LGU B . 7.47 9.90 -18.63
C4 LGU B . 8.60 10.20 -16.35
O4 LGU B . 8.50 10.28 -14.89
C5 LGU B . 9.41 11.41 -16.72
O5 LGU B . 8.66 12.58 -16.33
C6 LGU B . 10.71 11.34 -16.00
O6B LGU B . 11.41 10.31 -16.15
O6A LGU B . 10.98 12.29 -15.23
C1 LGU B . 7.60 9.27 -14.40
C2 LGU B . 8.04 8.64 -13.08
O2 LGU B . 9.44 8.35 -13.10
C3 LGU B . 7.72 9.55 -11.90
O3 LGU B . 8.62 10.66 -11.92
C4 LGU B . 6.27 10.03 -11.99
O4 LGU B . 5.38 8.89 -11.91
C5 LGU B . 6.01 10.72 -13.34
O5 LGU B . 6.23 9.75 -14.34
C6 LGU B . 4.54 11.08 -13.45
O6B LGU B . 3.80 10.52 -14.28
O6A LGU B . 4.04 11.89 -12.67
C1 LGU B . 4.74 8.79 -10.60
C2 LGU B . 3.85 7.57 -10.53
O2 LGU B . 4.47 6.56 -11.33
C3 LGU B . 3.75 7.12 -9.06
O3 LGU B . 2.86 6.02 -8.94
C4 LGU B . 5.06 6.55 -8.61
O4 LGU B . 5.12 6.76 -7.21
C5 LGU B . 6.16 7.35 -9.28
O5 LGU B . 5.66 8.67 -9.52
C6 LGU B . 7.36 7.52 -8.41
O6B LGU B . 8.19 6.57 -8.26
O6A LGU B . 7.52 8.65 -7.94
C1 LGU B . 5.68 5.64 -6.46
C2 LGU B . 6.06 6.12 -5.04
O2 LGU B . 6.78 7.34 -5.16
C3 LGU B . 4.83 6.41 -4.22
O3 LGU B . 4.26 7.61 -4.71
C4 LGU B . 3.79 5.29 -4.32
O4 LGU B . 4.25 4.18 -3.53
C5 LGU B . 3.54 4.81 -5.76
O5 LGU B . 4.78 4.53 -6.39
C6 LGU B . 2.67 3.56 -5.81
O6B LGU B . 2.60 2.89 -6.87
O6A LGU B . 2.03 3.21 -4.80
C1 LGU B . 3.73 4.13 -2.18
C2 LGU B . 3.63 2.68 -1.73
O2 LGU B . 3.01 1.91 -2.74
C3 LGU B . 5.01 2.05 -1.41
O3 LGU B . 5.76 1.85 -2.60
C4 LGU B . 5.92 2.93 -0.55
O4 LGU B . 5.52 2.91 0.84
C5 LGU B . 5.89 4.34 -1.15
O5 LGU B . 4.58 4.85 -1.30
C6 LGU B . 6.69 5.24 -0.24
O6B LGU B . 7.90 4.92 -0.08
O6A LGU B . 6.13 6.25 0.29
C1 LGU B . 6.26 1.94 1.65
C2 LGU B . 6.14 2.31 3.14
O2 LGU B . 6.32 3.72 3.36
C3 LGU B . 4.79 1.98 3.75
O3 LGU B . 3.79 2.90 3.26
C4 LGU B . 4.35 0.54 3.42
O4 LGU B . 5.22 -0.40 4.03
C5 LGU B . 4.44 0.30 1.91
O5 LGU B . 5.74 0.63 1.40
C6 LGU B . 4.12 -1.12 1.57
O6B LGU B . 5.03 -1.87 1.14
O6A LGU B . 2.96 -1.50 1.77
C1 LGU B . 4.91 -0.74 5.41
C2 LGU B . 5.08 -2.24 5.60
O2 LGU B . 6.38 -2.58 5.14
C3 LGU B . 4.96 -2.65 7.06
O3 LGU B . 5.13 -4.06 7.17
C4 LGU B . 6.06 -2.03 7.88
O4 LGU B . 5.56 -2.02 9.20
C5 LGU B . 6.48 -0.61 7.37
O5 LGU B . 5.74 0.00 6.30
C6 LGU B . 6.68 0.44 8.45
O6B LGU B . 6.67 0.14 9.66
O6A LGU B . 6.87 1.60 8.09
S SO4 C . 8.62 -14.09 5.97
O1 SO4 C . 8.35 -12.72 5.51
O2 SO4 C . 7.37 -14.88 6.16
O3 SO4 C . 9.49 -14.68 4.94
O4 SO4 C . 9.34 -14.06 7.26
S SO4 D . 15.64 0.01 -2.54
O1 SO4 D . 16.50 0.81 -3.44
O2 SO4 D . 14.46 0.80 -2.19
O3 SO4 D . 15.30 -1.30 -3.18
O4 SO4 D . 16.37 -0.26 -1.30
#